data_9E5H
#
_entry.id   9E5H
#
_cell.length_a   36.860
_cell.length_b   114.486
_cell.length_c   63.640
_cell.angle_alpha   90.00
_cell.angle_beta   99.28
_cell.angle_gamma   90.00
#
_symmetry.space_group_name_H-M   'P 1 21 1'
#
loop_
_entity.id
_entity.type
_entity.pdbx_description
1 polymer 'RNA (76-MER)'
2 non-polymer CYANOCOBALAMIN
3 non-polymer N-methylpropane-1,3-diamine
4 non-polymer 2-AMINO-2-HYDROXYMETHYL-PROPANE-1,3-DIOL
5 non-polymer 'MAGNESIUM ION'
6 non-polymer 'POTASSIUM ION'
7 water water
#
_entity_poly.entity_id   1
_entity_poly.type   'polyribonucleotide'
_entity_poly.pdbx_seq_one_letter_code
;(GTP)GUAAAAGCAUAGUGGGAAAGUGACGUGAAAUUCGUCCACACGAAAGUAAGGUCAUAGUCCGAAUGCCACCUACCA
;
_entity_poly.pdbx_strand_id   A,B
#